data_484D
#
_entry.id   484D
#
_cell.length_a   1.000
_cell.length_b   1.000
_cell.length_c   1.000
_cell.angle_alpha   90.00
_cell.angle_beta   90.00
_cell.angle_gamma   90.00
#
_symmetry.space_group_name_H-M   'P 1'
#
loop_
_entity.id
_entity.type
_entity.pdbx_description
1 polymer 'RNA APTAMER'
2 polymer 'BASIC REV PEPTIDE'
#
loop_
_entity_poly.entity_id
_entity_poly.type
_entity_poly.pdbx_seq_one_letter_code
_entity_poly.pdbx_strand_id
1 'polyribonucleotide' GGUGUCUUGGAGUGCUGAUCGGACACC B
2 'polypeptide(L)' TRQARRNRRRRWRERQR A
#
# COMPACT_ATOMS: atom_id res chain seq x y z
N THR B 1 2.24 -17.42 2.38
CA THR B 1 3.38 -17.32 1.42
C THR B 1 3.67 -15.83 1.22
N ARG B 2 2.88 -15.12 0.35
CA ARG B 2 3.01 -13.71 0.02
C ARG B 2 2.36 -12.93 1.16
N GLN B 3 3.20 -12.60 2.18
CA GLN B 3 2.84 -11.89 3.40
C GLN B 3 3.28 -10.43 3.28
N ALA B 4 4.62 -10.13 3.21
CA ALA B 4 5.20 -8.80 3.08
C ALA B 4 4.91 -8.07 1.78
N ARG B 5 4.73 -8.82 0.64
CA ARG B 5 4.42 -8.31 -0.70
C ARG B 5 3.08 -7.57 -0.73
N ARG B 6 2.00 -8.19 -0.19
CA ARG B 6 0.64 -7.70 -0.09
C ARG B 6 0.51 -6.65 1.00
N ASN B 7 0.84 -6.97 2.29
CA ASN B 7 0.76 -6.07 3.44
C ASN B 7 1.76 -4.93 3.29
N ARG B 8 1.24 -3.67 3.42
CA ARG B 8 1.97 -2.42 3.30
C ARG B 8 1.97 -1.68 4.64
N ARG B 9 3.03 -0.85 4.85
CA ARG B 9 3.29 -0.04 6.04
C ARG B 9 2.33 1.17 6.08
N ARG B 10 2.81 2.43 5.94
CA ARG B 10 1.95 3.65 6.00
C ARG B 10 2.23 4.51 4.78
N ARG B 11 1.16 4.82 4.00
CA ARG B 11 1.19 5.65 2.80
C ARG B 11 -0.26 6.05 2.54
N TRP B 12 -0.53 7.39 2.56
CA TRP B 12 -1.81 8.01 2.31
C TRP B 12 -1.92 8.39 0.84
N ARG B 13 -3.08 8.07 0.23
CA ARG B 13 -3.47 8.39 -1.14
C ARG B 13 -4.19 9.71 -0.97
N GLU B 14 -3.52 10.85 -1.36
CA GLU B 14 -4.10 12.19 -1.28
C GLU B 14 -4.87 12.30 -2.59
N ARG B 15 -6.10 11.68 -2.59
CA ARG B 15 -7.11 11.51 -3.68
C ARG B 15 -6.54 11.85 -5.05
N GLN B 16 -5.61 10.96 -5.54
CA GLN B 16 -4.85 11.10 -6.79
C GLN B 16 -5.68 11.20 -8.06
N ARG B 17 -6.51 10.16 -8.24
CA ARG B 17 -7.42 9.93 -9.34
C ARG B 17 -8.83 9.81 -8.73
N THR B 1 1.62 -19.67 -3.10
CA THR B 1 0.98 -18.36 -2.76
C THR B 1 1.67 -17.28 -3.57
N ARG B 2 2.76 -16.65 -3.03
CA ARG B 2 3.54 -15.59 -3.65
C ARG B 2 4.97 -15.73 -3.14
N GLN B 3 5.93 -15.68 -4.12
CA GLN B 3 7.37 -15.77 -3.92
C GLN B 3 7.98 -14.63 -3.10
N ALA B 4 7.24 -13.49 -2.91
CA ALA B 4 7.59 -12.31 -2.13
C ALA B 4 6.24 -11.69 -1.79
N ARG B 5 5.90 -11.63 -0.47
CA ARG B 5 4.63 -11.09 0.03
C ARG B 5 4.55 -9.57 -0.10
N ARG B 6 3.55 -9.11 -0.91
CA ARG B 6 3.27 -7.72 -1.22
C ARG B 6 1.98 -7.31 -0.49
N ASN B 7 2.02 -6.19 0.31
CA ASN B 7 0.91 -5.63 1.06
C ASN B 7 1.43 -4.34 1.68
N ARG B 8 0.86 -3.17 1.28
CA ARG B 8 1.25 -1.83 1.74
C ARG B 8 0.74 -1.57 3.14
N ARG B 9 1.71 -1.32 4.07
CA ARG B 9 1.50 -1.05 5.49
C ARG B 9 1.09 0.42 5.68
N ARG B 10 2.05 1.35 5.84
CA ARG B 10 1.78 2.80 6.12
C ARG B 10 2.38 3.71 5.05
N ARG B 11 1.49 4.54 4.41
CA ARG B 11 1.78 5.54 3.38
C ARG B 11 0.42 6.07 2.93
N TRP B 12 0.13 7.39 3.19
CA TRP B 12 -1.12 8.04 2.79
C TRP B 12 -0.95 8.43 1.33
N ARG B 13 -1.75 7.76 0.46
CA ARG B 13 -1.85 7.97 -0.97
C ARG B 13 -2.90 9.06 -1.06
N GLU B 14 -2.48 10.32 -1.37
CA GLU B 14 -3.35 11.49 -1.50
C GLU B 14 -3.94 11.34 -2.89
N ARG B 15 -5.05 10.54 -2.94
CA ARG B 15 -5.83 10.05 -4.09
C ARG B 15 -5.11 10.18 -5.44
N GLN B 16 -4.07 9.31 -5.60
CA GLN B 16 -3.11 9.13 -6.69
C GLN B 16 -1.77 9.65 -6.17
N ARG B 17 -0.81 8.70 -5.94
CA ARG B 17 0.56 8.89 -5.44
C ARG B 17 0.52 9.16 -3.92
N THR B 1 6.07 -16.61 -5.29
CA THR B 1 5.72 -15.36 -6.00
C THR B 1 6.71 -14.23 -5.77
N ARG B 2 6.92 -13.41 -6.84
CA ARG B 2 7.78 -12.24 -6.87
C ARG B 2 6.88 -11.02 -7.09
N GLN B 3 5.96 -10.78 -6.10
CA GLN B 3 4.96 -9.73 -6.03
C GLN B 3 4.32 -9.72 -4.64
N ALA B 4 3.75 -8.54 -4.26
CA ALA B 4 3.06 -8.26 -3.02
C ALA B 4 1.57 -8.55 -3.16
N ARG B 5 0.94 -8.97 -2.02
CA ARG B 5 -0.46 -9.33 -1.89
C ARG B 5 -1.16 -8.39 -0.89
N ARG B 6 -0.66 -8.34 0.39
CA ARG B 6 -1.14 -7.53 1.50
C ARG B 6 -0.47 -6.14 1.46
N ASN B 7 -1.04 -5.17 2.25
CA ASN B 7 -0.59 -3.79 2.39
C ASN B 7 0.88 -3.76 2.84
N ARG B 8 1.71 -3.10 2.00
CA ARG B 8 3.14 -2.94 2.16
C ARG B 8 3.40 -1.72 3.05
N ARG B 9 3.28 -0.47 2.49
CA ARG B 9 3.49 0.79 3.18
C ARG B 9 2.14 1.40 3.54
N ARG B 10 2.07 1.96 4.79
CA ARG B 10 0.85 2.62 5.32
C ARG B 10 1.09 4.10 5.03
N ARG B 11 0.48 4.56 3.90
CA ARG B 11 0.59 5.90 3.35
C ARG B 11 -0.79 6.41 2.95
N TRP B 12 -1.07 7.71 3.29
CA TRP B 12 -2.29 8.39 2.94
C TRP B 12 -2.11 8.91 1.53
N ARG B 13 -3.11 8.57 0.67
CA ARG B 13 -3.25 8.96 -0.72
C ARG B 13 -4.25 10.09 -0.65
N GLU B 14 -3.84 11.35 -1.03
CA GLU B 14 -4.73 12.51 -1.06
C GLU B 14 -5.43 12.34 -2.41
N ARG B 15 -6.48 11.47 -2.38
CA ARG B 15 -7.31 10.92 -3.47
C ARG B 15 -6.65 11.05 -4.85
N GLN B 16 -5.67 10.13 -5.12
CA GLN B 16 -4.81 9.98 -6.27
C GLN B 16 -3.49 10.69 -5.95
N ARG B 17 -2.39 9.89 -5.86
CA ARG B 17 -1.04 10.35 -5.58
C ARG B 17 -0.32 10.57 -6.93
N THR B 1 12.25 -10.14 -9.81
CA THR B 1 11.47 -11.14 -10.61
C THR B 1 9.98 -10.77 -10.59
N ARG B 2 9.16 -11.47 -9.76
CA ARG B 2 7.74 -11.29 -9.56
C ARG B 2 7.52 -11.58 -8.08
N GLN B 3 6.98 -10.56 -7.36
CA GLN B 3 6.67 -10.52 -5.96
C GLN B 3 5.61 -11.53 -5.57
N ALA B 4 5.73 -12.01 -4.32
CA ALA B 4 4.89 -13.00 -3.67
C ALA B 4 4.18 -12.35 -2.49
N ARG B 5 4.92 -12.02 -1.37
CA ARG B 5 4.40 -11.40 -0.16
C ARG B 5 4.09 -9.94 -0.45
N ARG B 6 2.82 -9.54 -0.14
CA ARG B 6 2.27 -8.21 -0.28
C ARG B 6 1.47 -7.86 0.97
N ASN B 7 1.54 -6.58 1.45
CA ASN B 7 0.86 -6.02 2.60
C ASN B 7 0.85 -4.52 2.35
N ARG B 8 2.07 -3.86 2.35
CA ARG B 8 2.35 -2.45 2.12
C ARG B 8 1.97 -1.57 3.30
N ARG B 9 2.89 -0.63 3.63
CA ARG B 9 2.84 0.36 4.70
C ARG B 9 1.71 1.40 4.52
N ARG B 10 1.54 2.28 5.55
CA ARG B 10 0.55 3.38 5.50
C ARG B 10 1.31 4.55 4.89
N ARG B 11 0.84 4.97 3.67
CA ARG B 11 1.33 6.05 2.86
C ARG B 11 0.03 6.69 2.39
N TRP B 12 -0.25 7.96 2.85
CA TRP B 12 -1.47 8.69 2.50
C TRP B 12 -1.51 8.93 1.01
N ARG B 13 -2.62 8.41 0.42
CA ARG B 13 -2.99 8.51 -0.97
C ARG B 13 -3.89 9.73 -0.99
N GLU B 14 -3.40 10.84 -1.61
CA GLU B 14 -4.19 12.08 -1.75
C GLU B 14 -4.98 11.79 -3.03
N ARG B 15 -6.11 11.05 -2.80
CA ARG B 15 -7.08 10.44 -3.74
C ARG B 15 -6.62 10.40 -5.20
N GLN B 16 -5.68 9.43 -5.47
CA GLN B 16 -5.01 9.06 -6.70
C GLN B 16 -4.37 10.20 -7.50
N ARG B 17 -3.03 10.36 -7.30
CA ARG B 17 -2.14 11.30 -7.97
C ARG B 17 -0.84 10.52 -8.21
N THR B 1 8.11 -12.86 -1.46
CA THR B 1 7.42 -11.63 -1.96
C THR B 1 5.93 -11.68 -1.63
N ARG B 2 5.15 -12.61 -2.27
CA ARG B 2 3.70 -12.77 -2.13
C ARG B 2 3.19 -13.33 -0.81
N GLN B 3 4.04 -14.12 -0.13
CA GLN B 3 3.82 -14.75 1.17
C GLN B 3 4.18 -13.75 2.26
N ALA B 4 5.48 -13.35 2.38
CA ALA B 4 5.99 -12.39 3.34
C ALA B 4 6.44 -11.16 2.57
N ARG B 5 5.93 -9.98 3.02
CA ARG B 5 6.12 -8.61 2.50
C ARG B 5 5.23 -8.35 1.28
N ARG B 6 3.90 -8.58 1.48
CA ARG B 6 2.79 -8.44 0.55
C ARG B 6 2.17 -7.05 0.66
N ASN B 7 1.49 -6.72 1.82
CA ASN B 7 0.80 -5.47 2.09
C ASN B 7 1.77 -4.35 2.45
N ARG B 8 1.42 -3.10 2.00
CA ARG B 8 2.16 -1.87 2.18
C ARG B 8 1.95 -1.27 3.58
N ARG B 9 2.89 -0.35 3.95
CA ARG B 9 2.99 0.41 5.20
C ARG B 9 1.80 1.35 5.45
N ARG B 10 1.81 2.04 6.63
CA ARG B 10 0.78 3.05 7.04
C ARG B 10 1.26 4.34 6.36
N ARG B 11 0.65 4.63 5.17
CA ARG B 11 0.96 5.77 4.31
C ARG B 11 -0.36 6.33 3.79
N TRP B 12 -0.58 7.67 3.98
CA TRP B 12 -1.78 8.38 3.56
C TRP B 12 -1.66 8.75 2.08
N ARG B 13 -2.75 8.46 1.35
CA ARG B 13 -2.99 8.72 -0.06
C ARG B 13 -3.83 9.97 -0.04
N GLU B 14 -3.21 11.16 -0.37
CA GLU B 14 -3.89 12.45 -0.44
C GLU B 14 -4.47 12.43 -1.85
N ARG B 15 -5.60 11.67 -1.98
CA ARG B 15 -6.40 11.28 -3.16
C ARG B 15 -5.84 11.76 -4.51
N GLN B 16 -4.70 11.13 -4.91
CA GLN B 16 -3.90 11.36 -6.12
C GLN B 16 -3.13 12.67 -5.98
N ARG B 17 -1.79 12.53 -5.79
CA ARG B 17 -0.82 13.61 -5.62
C ARG B 17 -0.25 13.92 -7.01
N THR B 1 1.36 -11.97 4.74
CA THR B 1 2.78 -11.55 5.03
C THR B 1 2.90 -10.83 6.38
N ARG B 2 4.17 -10.80 6.92
CA ARG B 2 4.57 -10.16 8.15
C ARG B 2 4.42 -8.65 8.13
N GLN B 3 4.94 -8.08 7.03
CA GLN B 3 4.97 -6.68 6.61
C GLN B 3 5.60 -6.60 5.22
N ALA B 4 5.02 -5.74 4.34
CA ALA B 4 5.42 -5.45 2.97
C ALA B 4 5.10 -6.56 1.98
N ARG B 5 5.11 -6.19 0.66
CA ARG B 5 4.84 -6.97 -0.54
C ARG B 5 3.32 -7.15 -0.69
N ARG B 6 2.70 -8.04 0.13
CA ARG B 6 1.27 -8.33 0.13
C ARG B 6 0.52 -7.32 1.00
N ASN B 7 0.74 -7.27 2.35
CA ASN B 7 0.11 -6.35 3.29
C ASN B 7 1.00 -5.12 3.42
N ARG B 8 0.49 -3.92 3.00
CA ARG B 8 1.21 -2.65 3.04
C ARG B 8 1.14 -2.02 4.45
N ARG B 9 2.18 -1.20 4.78
CA ARG B 9 2.41 -0.51 6.03
C ARG B 9 1.45 0.70 6.15
N ARG B 10 1.95 1.97 6.20
CA ARG B 10 1.10 3.19 6.30
C ARG B 10 1.32 3.97 5.01
N ARG B 11 0.22 4.11 4.21
CA ARG B 11 0.20 4.80 2.92
C ARG B 11 -1.12 5.54 2.77
N TRP B 12 -1.02 6.90 2.61
CA TRP B 12 -2.14 7.81 2.39
C TRP B 12 -1.97 8.35 0.96
N ARG B 13 -3.07 8.22 0.18
CA ARG B 13 -3.28 8.69 -1.18
C ARG B 13 -4.12 9.93 -0.99
N GLU B 14 -3.56 11.14 -1.37
CA GLU B 14 -4.27 12.42 -1.30
C GLU B 14 -5.13 12.37 -2.56
N ARG B 15 -6.33 11.70 -2.40
CA ARG B 15 -7.36 11.31 -3.37
C ARG B 15 -6.98 11.56 -4.83
N GLN B 16 -6.03 10.71 -5.34
CA GLN B 16 -5.49 10.74 -6.68
C GLN B 16 -5.91 9.40 -7.30
N ARG B 17 -7.19 9.34 -7.76
CA ARG B 17 -7.82 8.18 -8.37
C ARG B 17 -7.94 8.45 -9.88
N THR B 1 -1.19 -9.94 4.36
CA THR B 1 -1.64 -10.13 5.79
C THR B 1 -2.44 -8.93 6.28
N ARG B 2 -3.08 -9.09 7.48
CA ARG B 2 -3.84 -8.04 8.17
C ARG B 2 -2.95 -7.19 9.11
N GLN B 3 -1.60 -7.36 9.02
CA GLN B 3 -0.52 -6.69 9.72
C GLN B 3 -0.01 -5.58 8.80
N ALA B 4 0.53 -5.93 7.58
CA ALA B 4 1.05 -5.05 6.56
C ALA B 4 1.09 -5.91 5.29
N ARG B 5 2.28 -6.52 4.95
CA ARG B 5 2.61 -7.39 3.83
C ARG B 5 2.06 -6.90 2.48
N ARG B 6 0.85 -7.38 2.06
CA ARG B 6 0.17 -7.05 0.80
C ARG B 6 -0.14 -5.56 0.69
N ASN B 7 -0.58 -4.89 1.81
CA ASN B 7 -0.83 -3.45 1.95
C ASN B 7 0.47 -2.66 1.68
N ARG B 8 1.64 -3.22 2.11
CA ARG B 8 3.01 -2.75 1.96
C ARG B 8 3.30 -1.71 3.05
N ARG B 9 3.76 -0.47 2.67
CA ARG B 9 4.09 0.64 3.55
C ARG B 9 2.79 1.38 3.90
N ARG B 10 2.68 1.79 5.19
CA ARG B 10 1.48 2.49 5.73
C ARG B 10 1.79 3.99 5.67
N ARG B 11 1.21 4.65 4.62
CA ARG B 11 1.30 6.06 4.29
C ARG B 11 -0.06 6.48 3.70
N TRP B 12 -0.52 7.72 4.05
CA TRP B 12 -1.75 8.31 3.56
C TRP B 12 -1.47 8.86 2.16
N ARG B 13 -2.20 8.29 1.16
CA ARG B 13 -2.17 8.70 -0.23
C ARG B 13 -3.26 9.77 -0.29
N GLU B 14 -2.91 11.02 -0.72
CA GLU B 14 -3.87 12.13 -0.86
C GLU B 14 -4.44 11.89 -2.27
N ARG B 15 -5.32 10.83 -2.34
CA ARG B 15 -5.98 10.22 -3.52
C ARG B 15 -5.07 10.29 -4.77
N GLN B 16 -4.04 9.39 -4.83
CA GLN B 16 -3.00 9.30 -5.85
C GLN B 16 -3.36 8.97 -7.31
N ARG B 17 -4.67 8.85 -7.64
CA ARG B 17 -5.21 8.60 -8.97
C ARG B 17 -5.28 9.93 -9.74
N THR B 1 8.35 -17.49 -4.92
CA THR B 1 7.02 -17.18 -4.32
C THR B 1 6.10 -16.49 -5.31
N ARG B 2 4.80 -16.91 -5.33
CA ARG B 2 3.75 -16.36 -6.17
C ARG B 2 3.17 -15.21 -5.36
N GLN B 3 3.74 -13.98 -5.58
CA GLN B 3 3.45 -12.71 -4.93
C GLN B 3 4.05 -12.67 -3.52
N ALA B 4 3.55 -13.53 -2.58
CA ALA B 4 3.92 -13.71 -1.18
C ALA B 4 2.90 -12.92 -0.36
N ARG B 5 3.28 -11.75 0.23
CA ARG B 5 2.42 -10.87 1.00
C ARG B 5 2.71 -9.46 0.52
N ARG B 6 1.66 -8.82 -0.07
CA ARG B 6 1.62 -7.48 -0.60
C ARG B 6 1.22 -6.55 0.55
N ASN B 7 2.18 -6.29 1.51
CA ASN B 7 2.04 -5.47 2.68
C ASN B 7 2.69 -4.12 2.39
N ARG B 8 1.89 -3.04 2.58
CA ARG B 8 2.26 -1.65 2.36
C ARG B 8 1.94 -0.87 3.63
N ARG B 9 2.95 -0.09 4.11
CA ARG B 9 2.96 0.70 5.34
C ARG B 9 1.99 1.90 5.31
N ARG B 10 2.48 3.17 5.12
CA ARG B 10 1.60 4.38 5.15
C ARG B 10 1.73 5.19 3.87
N ARG B 11 0.55 5.45 3.22
CA ARG B 11 0.39 6.26 2.02
C ARG B 11 -1.09 6.63 1.97
N TRP B 12 -1.38 7.97 2.10
CA TRP B 12 -2.71 8.55 2.07
C TRP B 12 -3.04 8.99 0.64
N ARG B 13 -4.23 8.52 0.17
CA ARG B 13 -4.84 8.83 -1.10
C ARG B 13 -5.75 10.02 -0.80
N GLU B 14 -5.48 11.21 -1.43
CA GLU B 14 -6.29 12.42 -1.25
C GLU B 14 -7.42 12.23 -2.27
N ARG B 15 -8.44 11.41 -1.85
CA ARG B 15 -9.63 10.93 -2.58
C ARG B 15 -9.37 10.77 -4.09
N GLN B 16 -8.54 9.72 -4.40
CA GLN B 16 -8.01 9.31 -5.69
C GLN B 16 -6.68 10.03 -5.87
N ARG B 17 -5.55 9.28 -5.64
CA ARG B 17 -4.14 9.70 -5.73
C ARG B 17 -3.79 10.71 -4.62
N THR B 1 8.47 -13.67 -2.17
CA THR B 1 9.25 -13.63 -3.45
C THR B 1 8.46 -12.75 -4.41
N ARG B 2 7.46 -13.33 -5.15
CA ARG B 2 6.58 -12.66 -6.09
C ARG B 2 5.49 -12.07 -5.22
N GLN B 3 5.67 -10.75 -4.92
CA GLN B 3 4.85 -9.89 -4.08
C GLN B 3 4.58 -10.54 -2.71
N ALA B 4 5.56 -10.38 -1.77
CA ALA B 4 5.55 -10.90 -0.42
C ALA B 4 4.55 -10.15 0.44
N ARG B 5 4.77 -8.81 0.67
CA ARG B 5 3.93 -7.92 1.45
C ARG B 5 2.53 -7.80 0.87
N ARG B 6 1.50 -7.96 1.74
CA ARG B 6 0.08 -7.87 1.43
C ARG B 6 -0.22 -6.37 1.39
N ASN B 7 -0.39 -5.66 2.56
CA ASN B 7 -0.57 -4.22 2.64
C ASN B 7 0.86 -3.71 2.77
N ARG B 8 1.34 -3.00 1.70
CA ARG B 8 2.70 -2.50 1.58
C ARG B 8 2.97 -1.39 2.60
N ARG B 9 2.53 -0.13 2.33
CA ARG B 9 2.69 1.05 3.16
C ARG B 9 1.33 1.55 3.64
N ARG B 10 1.30 1.96 4.94
CA ARG B 10 0.08 2.52 5.61
C ARG B 10 0.38 4.02 5.72
N ARG B 11 -0.09 4.77 4.68
CA ARG B 11 0.05 6.21 4.48
C ARG B 11 -1.19 6.67 3.72
N TRP B 12 -1.73 7.87 4.12
CA TRP B 12 -2.92 8.49 3.55
C TRP B 12 -2.68 8.89 2.09
N ARG B 13 -3.47 8.25 1.19
CA ARG B 13 -3.51 8.46 -0.24
C ARG B 13 -4.44 9.64 -0.43
N GLU B 14 -3.87 10.80 -0.88
CA GLU B 14 -4.61 12.04 -1.13
C GLU B 14 -5.19 11.84 -2.52
N ARG B 15 -6.35 11.10 -2.55
CA ARG B 15 -7.16 10.63 -3.69
C ARG B 15 -6.39 10.62 -5.02
N GLN B 16 -5.37 9.68 -5.09
CA GLN B 16 -4.43 9.45 -6.17
C GLN B 16 -3.33 10.50 -6.08
N ARG B 17 -2.14 10.08 -5.57
CA ARG B 17 -0.92 10.85 -5.34
C ARG B 17 -1.14 11.83 -4.16
N THR B 1 1.25 -12.23 -0.64
CA THR B 1 -0.15 -11.70 -0.53
C THR B 1 -0.27 -10.74 0.64
N ARG B 2 0.03 -11.23 1.89
CA ARG B 2 -0.02 -10.48 3.14
C ARG B 2 1.03 -11.06 4.07
N GLN B 3 1.77 -10.13 4.74
CA GLN B 3 2.86 -10.32 5.70
C GLN B 3 4.18 -10.64 5.01
N ALA B 4 4.20 -11.62 4.04
CA ALA B 4 5.32 -12.10 3.26
C ALA B 4 5.72 -11.00 2.26
N ARG B 5 5.28 -11.10 0.97
CA ARG B 5 5.53 -10.17 -0.12
C ARG B 5 4.22 -9.47 -0.51
N ARG B 6 4.33 -8.32 -1.24
CA ARG B 6 3.25 -7.49 -1.75
C ARG B 6 2.24 -7.06 -0.67
N ASN B 7 2.72 -6.24 0.32
CA ASN B 7 1.95 -5.68 1.42
C ASN B 7 2.53 -4.28 1.61
N ARG B 8 1.93 -3.29 0.90
CA ARG B 8 2.33 -1.90 0.87
C ARG B 8 1.21 -1.05 1.46
N ARG B 9 1.45 -0.49 2.68
CA ARG B 9 0.49 0.31 3.43
C ARG B 9 1.13 1.46 4.23
N ARG B 10 1.96 2.30 3.56
CA ARG B 10 2.59 3.50 4.19
C ARG B 10 2.31 4.63 3.20
N ARG B 11 1.03 5.13 3.17
CA ARG B 11 0.56 6.16 2.26
C ARG B 11 -0.85 6.59 2.64
N TRP B 12 -1.07 7.94 2.54
CA TRP B 12 -2.36 8.60 2.67
C TRP B 12 -2.62 9.08 1.25
N ARG B 13 -3.73 8.57 0.68
CA ARG B 13 -4.26 8.89 -0.64
C ARG B 13 -5.14 10.10 -0.36
N GLU B 14 -4.67 11.31 -0.80
CA GLU B 14 -5.40 12.57 -0.64
C GLU B 14 -6.31 12.58 -1.87
N ARG B 15 -7.44 11.79 -1.74
CA ARG B 15 -8.50 11.46 -2.72
C ARG B 15 -8.07 11.74 -4.17
N GLN B 16 -7.19 10.83 -4.68
CA GLN B 16 -6.58 10.86 -6.00
C GLN B 16 -6.57 9.41 -6.48
N ARG B 17 -7.62 9.08 -7.27
CA ARG B 17 -7.86 7.77 -7.87
C ARG B 17 -6.88 7.61 -9.05
N THR B 1 4.86 -16.77 -6.86
CA THR B 1 3.46 -16.25 -6.97
C THR B 1 3.11 -15.36 -5.79
N ARG B 2 3.00 -15.95 -4.55
CA ARG B 2 2.69 -15.24 -3.32
C ARG B 2 4.01 -14.86 -2.68
N GLN B 3 4.49 -13.64 -3.05
CA GLN B 3 5.71 -12.96 -2.63
C GLN B 3 5.20 -11.73 -1.89
N ALA B 4 5.75 -11.47 -0.66
CA ALA B 4 5.41 -10.38 0.24
C ALA B 4 5.49 -9.03 -0.48
N ARG B 5 4.28 -8.53 -0.84
CA ARG B 5 3.93 -7.33 -1.58
C ARG B 5 2.54 -6.82 -1.13
N ARG B 6 1.61 -7.73 -0.69
CA ARG B 6 0.27 -7.48 -0.23
C ARG B 6 0.34 -6.90 1.18
N ASN B 7 -0.16 -5.64 1.39
CA ASN B 7 -0.17 -4.86 2.63
C ASN B 7 1.26 -4.45 2.97
N ARG B 8 1.58 -3.16 2.64
CA ARG B 8 2.87 -2.51 2.82
C ARG B 8 2.82 -1.53 4.00
N ARG B 9 3.74 -0.51 4.02
CA ARG B 9 3.88 0.55 5.00
C ARG B 9 2.68 1.52 4.96
N ARG B 10 2.64 2.51 5.90
CA ARG B 10 1.52 3.51 5.99
C ARG B 10 1.77 4.55 4.90
N ARG B 11 0.82 4.61 3.93
CA ARG B 11 0.77 5.48 2.76
C ARG B 11 -0.67 5.94 2.58
N TRP B 12 -0.85 7.27 2.34
CA TRP B 12 -2.13 7.91 2.08
C TRP B 12 -2.27 8.02 0.56
N ARG B 13 -3.46 7.58 0.06
CA ARG B 13 -3.93 7.62 -1.32
C ARG B 13 -4.63 8.98 -1.38
N GLU B 14 -3.93 9.99 -1.98
CA GLU B 14 -4.41 11.36 -2.15
C GLU B 14 -5.26 11.30 -3.41
N ARG B 15 -6.52 10.78 -3.22
CA ARG B 15 -7.61 10.47 -4.17
C ARG B 15 -7.16 10.53 -5.64
N GLN B 16 -6.29 9.55 -6.03
CA GLN B 16 -5.70 9.42 -7.35
C GLN B 16 -6.55 8.52 -8.25
N ARG B 17 -7.75 9.07 -8.60
CA ARG B 17 -8.79 8.49 -9.44
C ARG B 17 -8.23 8.21 -10.85
N THR B 1 1.02 -6.71 4.79
CA THR B 1 1.07 -7.72 5.91
C THR B 1 1.74 -7.12 7.15
N ARG B 2 3.09 -6.91 7.11
CA ARG B 2 3.91 -6.33 8.17
C ARG B 2 5.11 -5.71 7.47
N GLN B 3 5.27 -4.36 7.57
CA GLN B 3 6.31 -3.53 6.96
C GLN B 3 6.08 -3.47 5.44
N ALA B 4 6.41 -4.55 4.68
CA ALA B 4 6.23 -4.73 3.26
C ALA B 4 5.52 -6.07 3.01
N ARG B 5 5.54 -6.59 1.74
CA ARG B 5 4.92 -7.81 1.24
C ARG B 5 3.43 -7.56 1.13
N ARG B 6 2.94 -7.43 -0.13
CA ARG B 6 1.57 -7.15 -0.54
C ARG B 6 1.27 -5.70 -0.19
N ASN B 7 0.87 -5.36 1.08
CA ASN B 7 0.60 -4.02 1.53
C ASN B 7 1.87 -3.40 2.06
N ARG B 8 2.12 -2.14 1.62
CA ARG B 8 3.21 -1.27 2.02
C ARG B 8 2.53 -0.46 3.13
N ARG B 9 2.93 -0.80 4.39
CA ARG B 9 2.44 -0.35 5.70
C ARG B 9 1.69 0.98 5.78
N ARG B 10 2.43 2.11 5.96
CA ARG B 10 1.82 3.46 6.10
C ARG B 10 2.19 4.28 4.87
N ARG B 11 1.18 4.51 3.98
CA ARG B 11 1.28 5.29 2.77
C ARG B 11 -0.14 5.65 2.34
N TRP B 12 -0.39 6.98 2.18
CA TRP B 12 -1.64 7.59 1.81
C TRP B 12 -1.80 7.61 0.29
N ARG B 13 -3.02 7.19 -0.17
CA ARG B 13 -3.48 7.17 -1.55
C ARG B 13 -4.13 8.54 -1.73
N GLU B 14 -3.44 9.41 -2.53
CA GLU B 14 -3.87 10.77 -2.85
C GLU B 14 -4.84 10.61 -4.02
N ARG B 15 -6.14 10.43 -3.63
CA ARG B 15 -7.37 10.20 -4.41
C ARG B 15 -7.19 9.61 -5.83
N GLN B 16 -6.47 8.43 -5.92
CA GLN B 16 -6.14 7.65 -7.11
C GLN B 16 -5.70 8.49 -8.31
N ARG B 17 -4.35 8.62 -8.46
CA ARG B 17 -3.60 9.36 -9.45
C ARG B 17 -3.96 8.88 -10.88
N THR B 1 1.06 -13.39 0.53
CA THR B 1 -0.32 -13.32 -0.01
C THR B 1 -1.25 -12.58 0.94
N ARG B 2 -1.58 -13.17 2.13
CA ARG B 2 -2.44 -12.64 3.17
C ARG B 2 -1.54 -11.75 4.04
N GLN B 3 -1.58 -10.43 3.72
CA GLN B 3 -0.84 -9.32 4.31
C GLN B 3 0.57 -9.26 3.71
N ALA B 4 1.50 -10.20 4.09
CA ALA B 4 2.88 -10.32 3.63
C ALA B 4 3.03 -10.19 2.13
N ARG B 5 4.06 -9.40 1.69
CA ARG B 5 4.45 -9.07 0.32
C ARG B 5 3.56 -8.00 -0.31
N ARG B 6 2.21 -8.17 -0.24
CA ARG B 6 1.16 -7.36 -0.82
C ARG B 6 0.91 -6.02 -0.11
N ASN B 7 0.74 -5.98 1.25
CA ASN B 7 0.50 -4.81 2.08
C ASN B 7 1.58 -3.75 1.91
N ARG B 8 1.11 -2.49 1.65
CA ARG B 8 1.88 -1.28 1.43
C ARG B 8 2.14 -0.50 2.73
N ARG B 9 3.09 0.48 2.65
CA ARG B 9 3.53 1.39 3.70
C ARG B 9 2.40 2.30 4.18
N ARG B 10 2.51 2.74 5.46
CA ARG B 10 1.54 3.64 6.15
C ARG B 10 1.98 5.05 5.76
N ARG B 11 1.21 5.68 4.83
CA ARG B 11 1.44 7.01 4.27
C ARG B 11 0.11 7.44 3.69
N TRP B 12 -0.49 8.53 4.26
CA TRP B 12 -1.77 9.09 3.83
C TRP B 12 -1.62 9.83 2.51
N ARG B 13 -2.27 9.26 1.48
CA ARG B 13 -2.41 9.77 0.12
C ARG B 13 -3.68 10.61 0.16
N GLU B 14 -3.60 11.92 -0.26
CA GLU B 14 -4.76 12.82 -0.32
C GLU B 14 -5.43 12.41 -1.64
N ARG B 15 -6.26 11.32 -1.51
CA ARG B 15 -6.98 10.54 -2.52
C ARG B 15 -6.38 10.66 -3.93
N GLN B 16 -5.19 9.99 -4.09
CA GLN B 16 -4.34 9.89 -5.27
C GLN B 16 -3.69 11.26 -5.50
N ARG B 17 -2.54 11.47 -4.81
CA ARG B 17 -1.72 12.67 -4.83
C ARG B 17 -0.34 12.25 -5.41
N THR B 1 -0.38 -11.57 4.50
CA THR B 1 -1.66 -12.32 4.53
C THR B 1 -2.53 -11.65 5.60
N ARG B 2 -2.42 -12.07 6.90
CA ARG B 2 -3.16 -11.52 8.03
C ARG B 2 -2.11 -10.78 8.86
N GLN B 3 -2.06 -9.43 8.65
CA GLN B 3 -1.17 -8.45 9.25
C GLN B 3 0.30 -8.83 9.02
N ALA B 4 0.79 -8.58 7.77
CA ALA B 4 2.12 -8.86 7.29
C ALA B 4 2.63 -7.53 6.73
N ARG B 5 2.42 -7.27 5.40
CA ARG B 5 2.76 -6.05 4.68
C ARG B 5 1.41 -5.49 4.22
N ARG B 6 0.71 -6.20 3.26
CA ARG B 6 -0.57 -5.90 2.67
C ARG B 6 -0.42 -4.69 1.75
N ASN B 7 -0.50 -3.44 2.28
CA ASN B 7 -0.31 -2.19 1.54
C ASN B 7 1.21 -1.89 1.42
N ARG B 8 1.58 -0.94 0.50
CA ARG B 8 2.94 -0.51 0.22
C ARG B 8 3.45 0.33 1.41
N ARG B 9 3.30 1.69 1.37
CA ARG B 9 3.72 2.63 2.40
C ARG B 9 2.47 3.03 3.18
N ARG B 10 2.56 2.98 4.54
CA ARG B 10 1.41 3.33 5.44
C ARG B 10 1.49 4.85 5.62
N ARG B 11 0.70 5.56 4.77
CA ARG B 11 0.57 7.01 4.69
C ARG B 11 -0.86 7.34 4.25
N TRP B 12 -1.38 8.53 4.68
CA TRP B 12 -2.69 9.02 4.32
C TRP B 12 -2.58 9.68 2.95
N ARG B 13 -3.45 9.20 2.02
CA ARG B 13 -3.60 9.67 0.66
C ARG B 13 -4.81 10.57 0.75
N GLU B 14 -4.66 11.90 0.44
CA GLU B 14 -5.76 12.87 0.42
C GLU B 14 -6.40 12.55 -0.94
N ARG B 15 -7.34 11.56 -0.88
CA ARG B 15 -8.05 10.85 -1.97
C ARG B 15 -7.37 10.98 -3.34
N GLN B 16 -6.30 10.14 -3.52
CA GLN B 16 -5.43 10.00 -4.68
C GLN B 16 -4.42 11.13 -4.69
N ARG B 17 -3.13 10.78 -4.41
CA ARG B 17 -1.97 11.64 -4.37
C ARG B 17 -1.06 11.17 -5.52
N THR B 1 1.12 -15.77 10.57
CA THR B 1 2.07 -14.60 10.64
C THR B 1 1.45 -13.35 10.04
N ARG B 2 1.62 -12.19 10.73
CA ARG B 2 1.18 -10.84 10.40
C ARG B 2 1.55 -9.99 11.61
N GLN B 3 2.48 -9.00 11.40
CA GLN B 3 2.98 -8.08 12.40
C GLN B 3 2.30 -6.70 12.27
N ALA B 4 2.39 -6.03 11.07
CA ALA B 4 1.84 -4.72 10.77
C ALA B 4 0.93 -4.87 9.52
N ARG B 5 1.33 -4.32 8.34
CA ARG B 5 0.65 -4.34 7.05
C ARG B 5 0.65 -5.74 6.43
N ARG B 6 -0.34 -6.04 5.53
CA ARG B 6 -0.46 -7.31 4.84
C ARG B 6 0.58 -7.32 3.71
N ASN B 7 0.41 -6.51 2.62
CA ASN B 7 1.31 -6.39 1.49
C ASN B 7 1.97 -5.03 1.59
N ARG B 8 1.29 -3.90 1.18
CA ARG B 8 1.81 -2.55 1.25
C ARG B 8 0.68 -1.57 1.45
N ARG B 9 0.76 -0.83 2.59
CA ARG B 9 -0.14 0.23 3.01
C ARG B 9 0.71 1.01 4.01
N ARG B 10 1.43 2.04 3.48
CA ARG B 10 2.34 2.89 4.28
C ARG B 10 1.76 4.29 4.28
N ARG B 11 2.46 5.25 3.62
CA ARG B 11 2.20 6.68 3.39
C ARG B 11 0.72 6.95 3.04
N TRP B 12 0.20 8.14 3.47
CA TRP B 12 -1.17 8.59 3.19
C TRP B 12 -1.19 9.06 1.74
N ARG B 13 -2.18 8.51 0.99
CA ARG B 13 -2.48 8.77 -0.40
C ARG B 13 -3.57 9.81 -0.33
N GLU B 14 -3.20 11.13 -0.54
CA GLU B 14 -4.13 12.26 -0.51
C GLU B 14 -4.79 12.20 -1.88
N ARG B 15 -5.86 11.34 -1.93
CA ARG B 15 -6.68 10.88 -3.05
C ARG B 15 -6.22 11.36 -4.43
N GLN B 16 -5.08 10.76 -4.90
CA GLN B 16 -4.46 11.02 -6.17
C GLN B 16 -4.35 9.67 -6.86
N ARG B 17 -5.45 9.31 -7.56
CA ARG B 17 -5.63 8.08 -8.32
C ARG B 17 -4.79 8.20 -9.62
N THR B 1 4.54 -16.45 -7.18
CA THR B 1 4.69 -15.01 -7.56
C THR B 1 3.59 -14.14 -6.96
N ARG B 2 2.29 -14.62 -6.94
CA ARG B 2 1.12 -13.93 -6.42
C ARG B 2 1.21 -13.35 -5.02
N GLN B 3 1.81 -14.13 -4.11
CA GLN B 3 2.09 -13.81 -2.72
C GLN B 3 3.58 -13.57 -2.60
N ALA B 4 3.99 -12.27 -2.45
CA ALA B 4 5.35 -11.81 -2.31
C ALA B 4 5.27 -10.42 -1.64
N ARG B 5 4.96 -10.41 -0.31
CA ARG B 5 4.74 -9.29 0.61
C ARG B 5 3.71 -8.32 0.04
N ARG B 6 2.42 -8.51 0.43
CA ARG B 6 1.25 -7.77 -0.03
C ARG B 6 1.05 -6.48 0.70
N ASN B 7 0.80 -6.51 2.04
CA ASN B 7 0.60 -5.34 2.88
C ASN B 7 1.94 -4.65 3.06
N ARG B 8 1.99 -3.37 2.61
CA ARG B 8 3.17 -2.53 2.59
C ARG B 8 3.12 -1.52 3.74
N ARG B 9 3.04 -0.18 3.45
CA ARG B 9 3.01 0.94 4.37
C ARG B 9 1.60 1.51 4.50
N ARG B 10 1.35 2.20 5.65
CA ARG B 10 0.05 2.88 5.91
C ARG B 10 0.32 4.32 5.48
N ARG B 11 -0.09 4.63 4.21
CA ARG B 11 0.06 5.91 3.54
C ARG B 11 -1.32 6.43 3.20
N TRP B 12 -1.54 7.75 3.49
CA TRP B 12 -2.78 8.46 3.23
C TRP B 12 -2.80 8.85 1.76
N ARG B 13 -3.93 8.48 1.09
CA ARG B 13 -4.25 8.80 -0.29
C ARG B 13 -4.93 10.15 -0.17
N GLU B 14 -4.29 11.25 -0.68
CA GLU B 14 -4.86 12.60 -0.69
C GLU B 14 -5.63 12.65 -2.01
N ARG B 15 -6.69 11.78 -2.07
CA ARG B 15 -7.59 11.42 -3.19
C ARG B 15 -7.08 11.82 -4.58
N GLN B 16 -6.01 11.07 -5.01
CA GLN B 16 -5.29 11.17 -6.27
C GLN B 16 -4.45 9.90 -6.34
N ARG B 17 -4.81 9.01 -7.31
CA ARG B 17 -4.27 7.70 -7.67
C ARG B 17 -3.30 7.07 -6.63
N THR B 1 0.19 -11.21 -6.96
CA THR B 1 1.23 -11.63 -5.96
C THR B 1 0.59 -12.60 -4.97
N ARG B 2 -0.33 -12.09 -4.10
CA ARG B 2 -1.09 -12.77 -3.06
C ARG B 2 -0.18 -13.10 -1.88
N GLN B 3 -0.32 -12.29 -0.80
CA GLN B 3 0.36 -12.29 0.49
C GLN B 3 1.84 -12.66 0.44
N ALA B 4 2.72 -11.63 0.26
CA ALA B 4 4.17 -11.70 0.22
C ALA B 4 4.62 -10.89 1.42
N ARG B 5 4.55 -9.52 1.34
CA ARG B 5 4.86 -8.57 2.41
C ARG B 5 3.56 -8.44 3.21
N ARG B 6 2.48 -7.86 2.59
CA ARG B 6 1.14 -7.62 3.10
C ARG B 6 1.17 -6.46 4.11
N ASN B 7 0.40 -5.34 3.84
CA ASN B 7 0.30 -4.11 4.62
C ASN B 7 1.64 -3.39 4.49
N ARG B 8 1.70 -2.46 3.48
CA ARG B 8 2.87 -1.68 3.10
C ARG B 8 2.99 -0.40 3.95
N ARG B 9 3.49 0.74 3.35
CA ARG B 9 3.71 2.04 3.93
C ARG B 9 2.42 2.71 4.36
N ARG B 10 2.51 3.51 5.46
CA ARG B 10 1.37 4.30 5.99
C ARG B 10 1.61 5.67 5.37
N ARG B 11 0.84 5.95 4.28
CA ARG B 11 0.87 7.15 3.47
C ARG B 11 -0.60 7.48 3.23
N TRP B 12 -1.07 8.66 3.76
CA TRP B 12 -2.42 9.14 3.55
C TRP B 12 -2.39 9.80 2.18
N ARG B 13 -3.09 9.16 1.23
CA ARG B 13 -3.27 9.61 -0.14
C ARG B 13 -4.40 10.64 -0.05
N GLU B 14 -4.11 11.93 -0.43
CA GLU B 14 -5.09 13.02 -0.44
C GLU B 14 -5.72 12.82 -1.82
N ARG B 15 -6.67 11.84 -1.86
CA ARG B 15 -7.39 11.25 -3.01
C ARG B 15 -6.65 11.43 -4.34
N GLN B 16 -5.49 10.72 -4.46
CA GLN B 16 -4.58 10.70 -5.59
C GLN B 16 -3.80 9.39 -5.47
N ARG B 17 -4.24 8.38 -6.27
CA ARG B 17 -3.73 7.02 -6.34
C ARG B 17 -2.25 7.02 -6.76
N THR B 1 7.37 -9.28 -6.30
CA THR B 1 6.79 -10.57 -6.78
C THR B 1 5.28 -10.42 -6.92
N ARG B 2 4.54 -11.48 -6.52
CA ARG B 2 3.11 -11.65 -6.52
C ARG B 2 2.61 -11.13 -5.15
N GLN B 3 1.55 -11.75 -4.57
CA GLN B 3 0.93 -11.42 -3.30
C GLN B 3 1.75 -12.10 -2.19
N ALA B 4 2.81 -11.38 -1.74
CA ALA B 4 3.76 -11.78 -0.71
C ALA B 4 3.50 -10.90 0.50
N ARG B 5 3.91 -9.60 0.47
CA ARG B 5 3.69 -8.62 1.51
C ARG B 5 2.35 -7.97 1.20
N ARG B 6 1.41 -8.05 2.19
CA ARG B 6 0.05 -7.54 2.12
C ARG B 6 0.06 -6.01 2.14
N ASN B 7 0.31 -5.36 3.33
CA ASN B 7 0.35 -3.91 3.49
C ASN B 7 1.76 -3.41 3.19
N ARG B 8 2.00 -3.02 1.90
CA ARG B 8 3.27 -2.50 1.42
C ARG B 8 3.29 -1.01 1.69
N ARG B 9 2.39 -0.22 1.02
CA ARG B 9 2.28 1.23 1.13
C ARG B 9 1.46 1.63 2.35
N ARG B 10 2.11 2.46 3.23
CA ARG B 10 1.47 3.04 4.44
C ARG B 10 1.47 4.53 4.07
N ARG B 11 0.45 4.93 3.26
CA ARG B 11 0.27 6.26 2.70
C ARG B 11 -1.21 6.62 2.66
N TRP B 12 -1.51 7.93 2.91
CA TRP B 12 -2.83 8.51 2.82
C TRP B 12 -3.02 8.80 1.33
N ARG B 13 -4.10 8.18 0.78
CA ARG B 13 -4.53 8.32 -0.60
C ARG B 13 -5.42 9.55 -0.60
N GLU B 14 -4.94 10.68 -1.20
CA GLU B 14 -5.68 11.94 -1.28
C GLU B 14 -6.58 11.80 -2.52
N ARG B 15 -7.65 10.96 -2.33
CA ARG B 15 -8.69 10.52 -3.30
C ARG B 15 -8.17 10.49 -4.76
N GLN B 16 -7.07 9.68 -4.96
CA GLN B 16 -6.25 9.41 -6.14
C GLN B 16 -4.81 9.64 -5.68
N ARG B 17 -3.96 8.56 -5.77
CA ARG B 17 -2.54 8.48 -5.40
C ARG B 17 -2.36 8.63 -3.87
N THR B 1 2.75 -15.48 -10.07
CA THR B 1 1.61 -15.01 -9.24
C THR B 1 1.09 -13.63 -9.63
N ARG B 2 0.04 -13.23 -8.89
CA ARG B 2 -0.73 -11.98 -8.96
C ARG B 2 -0.03 -10.83 -8.26
N GLN B 3 0.38 -11.11 -7.02
CA GLN B 3 1.08 -10.31 -6.05
C GLN B 3 1.75 -11.23 -5.04
N ALA B 4 2.94 -10.79 -4.56
CA ALA B 4 3.78 -11.46 -3.58
C ALA B 4 3.53 -10.79 -2.23
N ARG B 5 4.06 -9.54 -2.02
CA ARG B 5 3.91 -8.75 -0.81
C ARG B 5 2.60 -7.97 -0.90
N ARG B 6 1.78 -8.05 0.19
CA ARG B 6 0.48 -7.40 0.33
C ARG B 6 0.69 -5.95 0.78
N ASN B 7 0.69 -5.65 2.11
CA ASN B 7 0.87 -4.35 2.72
C ASN B 7 2.30 -3.88 2.53
N ARG B 8 2.45 -2.70 1.87
CA ARG B 8 3.70 -2.04 1.54
C ARG B 8 3.52 -0.59 1.97
N ARG B 9 2.91 0.29 1.12
CA ARG B 9 2.66 1.70 1.37
C ARG B 9 1.27 1.87 2.00
N ARG B 10 1.25 2.33 3.29
CA ARG B 10 0.01 2.56 4.06
C ARG B 10 0.07 4.06 4.38
N ARG B 11 -0.53 4.88 3.48
CA ARG B 11 -0.58 6.34 3.50
C ARG B 11 -1.91 6.84 2.96
N TRP B 12 -2.36 8.06 3.44
CA TRP B 12 -3.58 8.73 2.99
C TRP B 12 -3.39 9.16 1.54
N ARG B 13 -4.35 8.71 0.70
CA ARG B 13 -4.51 8.96 -0.71
C ARG B 13 -5.57 10.05 -0.75
N GLU B 14 -5.26 11.24 -1.35
CA GLU B 14 -6.21 12.35 -1.44
C GLU B 14 -7.10 12.06 -2.66
N ARG B 15 -8.05 11.09 -2.45
CA ARG B 15 -9.02 10.53 -3.42
C ARG B 15 -8.42 10.13 -4.79
N GLN B 16 -7.12 9.68 -4.81
CA GLN B 16 -6.24 9.23 -5.87
C GLN B 16 -4.84 9.72 -5.48
N ARG B 17 -3.85 8.79 -5.47
CA ARG B 17 -2.45 9.06 -5.14
C ARG B 17 -1.84 9.91 -6.29
N THR B 1 7.79 -8.69 -9.78
CA THR B 1 7.53 -10.08 -9.29
C THR B 1 6.11 -10.31 -8.77
N ARG B 2 5.69 -11.62 -8.73
CA ARG B 2 4.43 -12.14 -8.27
C ARG B 2 4.47 -12.17 -6.76
N GLN B 3 3.43 -11.50 -6.21
CA GLN B 3 3.07 -11.24 -4.84
C GLN B 3 3.98 -10.15 -4.27
N ALA B 4 5.31 -10.43 -4.15
CA ALA B 4 6.37 -9.59 -3.65
C ALA B 4 6.16 -9.40 -2.15
N ARG B 5 5.55 -8.26 -1.73
CA ARG B 5 5.22 -7.93 -0.35
C ARG B 5 3.78 -7.44 -0.44
N ARG B 6 2.84 -8.29 0.04
CA ARG B 6 1.40 -8.08 0.05
C ARG B 6 0.99 -7.02 1.07
N ASN B 7 1.40 -7.15 2.37
CA ASN B 7 1.11 -6.22 3.46
C ASN B 7 2.05 -5.02 3.30
N ARG B 8 1.47 -3.87 2.84
CA ARG B 8 2.15 -2.61 2.58
C ARG B 8 1.99 -1.66 3.77
N ARG B 9 2.89 -0.62 3.84
CA ARG B 9 3.00 0.40 4.86
C ARG B 9 1.75 1.28 5.00
N ARG B 10 1.63 1.92 6.20
CA ARG B 10 0.51 2.85 6.55
C ARG B 10 1.00 4.24 6.16
N ARG B 11 0.19 4.95 5.32
CA ARG B 11 0.44 6.27 4.76
C ARG B 11 -0.86 6.79 4.14
N TRP B 12 -1.14 8.12 4.31
CA TRP B 12 -2.30 8.78 3.74
C TRP B 12 -1.99 9.11 2.27
N ARG B 13 -2.87 8.57 1.39
CA ARG B 13 -2.89 8.73 -0.06
C ARG B 13 -3.85 9.90 -0.22
N GLU B 14 -3.32 11.12 -0.56
CA GLU B 14 -4.13 12.34 -0.76
C GLU B 14 -4.61 12.18 -2.21
N ARG B 15 -5.68 11.34 -2.35
CA ARG B 15 -6.38 10.84 -3.57
C ARG B 15 -5.57 11.11 -4.86
N GLN B 16 -4.44 10.34 -5.02
CA GLN B 16 -3.47 10.44 -6.11
C GLN B 16 -3.87 9.60 -7.34
N ARG B 17 -5.10 9.86 -7.87
CA ARG B 17 -5.68 9.22 -9.04
C ARG B 17 -5.52 10.18 -10.24
N THR B 1 8.04 -9.72 -9.47
CA THR B 1 7.11 -10.73 -8.87
C THR B 1 5.67 -10.43 -9.24
N ARG B 2 4.81 -11.50 -9.31
CA ARG B 2 3.39 -11.41 -9.64
C ARG B 2 2.59 -10.88 -8.46
N GLN B 3 2.78 -11.56 -7.33
CA GLN B 3 2.25 -11.31 -6.00
C GLN B 3 3.21 -12.02 -5.02
N ALA B 4 3.91 -11.22 -4.17
CA ALA B 4 4.86 -11.67 -3.16
C ALA B 4 4.39 -11.17 -1.81
N ARG B 5 4.55 -9.84 -1.53
CA ARG B 5 4.15 -9.15 -0.32
C ARG B 5 2.99 -8.24 -0.70
N ARG B 6 1.80 -8.52 -0.09
CA ARG B 6 0.53 -7.84 -0.32
C ARG B 6 0.48 -6.52 0.43
N ASN B 7 0.21 -6.51 1.79
CA ASN B 7 0.14 -5.32 2.62
C ASN B 7 1.56 -4.90 2.95
N ARG B 8 1.93 -3.66 2.49
CA ARG B 8 3.24 -3.06 2.65
C ARG B 8 3.10 -1.57 2.93
N ARG B 9 2.44 -0.79 2.03
CA ARG B 9 2.23 0.65 2.12
C ARG B 9 1.40 1.07 3.33
N ARG B 10 1.94 2.07 4.08
CA ARG B 10 1.28 2.68 5.26
C ARG B 10 1.46 4.17 5.03
N ARG B 11 0.53 4.74 4.19
CA ARG B 11 0.48 6.13 3.77
C ARG B 11 -0.93 6.47 3.28
N TRP B 12 -1.32 7.77 3.45
CA TRP B 12 -2.60 8.31 3.03
C TRP B 12 -2.60 8.49 1.51
N ARG B 13 -3.72 8.05 0.88
CA ARG B 13 -4.06 8.10 -0.53
C ARG B 13 -4.86 9.38 -0.66
N GLU B 14 -4.21 10.45 -1.24
CA GLU B 14 -4.79 11.76 -1.48
C GLU B 14 -5.57 11.56 -2.78
N ARG B 15 -6.83 11.05 -2.59
CA ARG B 15 -7.88 10.65 -3.54
C ARG B 15 -7.37 10.39 -4.96
N GLN B 16 -6.64 9.23 -5.13
CA GLN B 16 -6.05 8.68 -6.34
C GLN B 16 -4.57 9.03 -6.42
N ARG B 17 -3.74 7.96 -6.55
CA ARG B 17 -2.28 7.93 -6.67
C ARG B 17 -1.61 8.33 -5.33
N THR B 1 0.01 -15.55 -10.65
CA THR B 1 0.05 -15.39 -9.17
C THR B 1 0.95 -14.19 -8.87
N ARG B 2 2.31 -14.37 -8.89
CA ARG B 2 3.38 -13.42 -8.65
C ARG B 2 3.17 -12.61 -7.37
N GLN B 3 3.65 -13.15 -6.21
CA GLN B 3 3.52 -12.56 -4.89
C GLN B 3 4.79 -11.76 -4.59
N ALA B 4 4.68 -10.40 -4.75
CA ALA B 4 5.72 -9.43 -4.48
C ALA B 4 5.12 -8.43 -3.51
N ARG B 5 4.99 -8.88 -2.22
CA ARG B 5 4.41 -8.21 -1.06
C ARG B 5 2.92 -7.97 -1.24
N ARG B 6 2.14 -8.40 -0.20
CA ARG B 6 0.70 -8.31 -0.11
C ARG B 6 0.30 -7.06 0.64
N ASN B 7 0.45 -7.02 2.00
CA ASN B 7 0.09 -5.94 2.92
C ASN B 7 0.57 -4.54 2.54
N ARG B 8 1.93 -4.31 2.45
CA ARG B 8 2.60 -3.06 2.12
C ARG B 8 2.64 -2.03 3.25
N ARG B 9 3.59 -1.05 3.12
CA ARG B 9 3.89 0.07 3.99
C ARG B 9 2.74 1.08 4.04
N ARG B 10 2.68 1.84 5.18
CA ARG B 10 1.63 2.87 5.43
C ARG B 10 2.19 4.24 5.03
N ARG B 11 1.39 4.98 4.21
CA ARG B 11 1.66 6.29 3.65
C ARG B 11 0.33 6.79 3.07
N TRP B 12 -0.16 8.01 3.50
CA TRP B 12 -1.42 8.59 3.01
C TRP B 12 -1.26 8.97 1.54
N ARG B 13 -2.15 8.37 0.72
CA ARG B 13 -2.27 8.56 -0.72
C ARG B 13 -3.29 9.68 -0.85
N GLU B 14 -2.86 10.87 -1.37
CA GLU B 14 -3.73 12.02 -1.61
C GLU B 14 -4.32 11.72 -2.98
N ARG B 15 -5.32 10.78 -2.96
CA ARG B 15 -6.07 10.11 -4.05
C ARG B 15 -5.40 10.28 -5.43
N GLN B 16 -4.26 9.56 -5.58
CA GLN B 16 -3.37 9.52 -6.73
C GLN B 16 -3.80 8.37 -7.64
N ARG B 17 -4.99 8.55 -8.27
CA ARG B 17 -5.62 7.61 -9.20
C ARG B 17 -5.08 7.86 -10.63
#